data_7OU3
#
_entry.id   7OU3
#
_cell.length_a   61.429
_cell.length_b   62.452
_cell.length_c   139.877
_cell.angle_alpha   90.000
_cell.angle_beta   90.000
_cell.angle_gamma   90.000
#
_symmetry.space_group_name_H-M   'P 21 21 21'
#
loop_
_entity.id
_entity.type
_entity.pdbx_description
1 polymer 'N-glycosylase/DNA lyase'
2 non-polymer 'CHLORIDE ION'
3 non-polymer GLYCEROL
4 water water
#
_entity_poly.entity_id   1
_entity_poly.type   'polypeptide(L)'
_entity_poly.pdbx_seq_one_letter_code
;GSHMTLDRFVRIKYREDNEKVNRLVEILRELGLDCARTIEEKVDLQFDALRNLRENLKDDELFIKLVIANALVSYQLSGK
GEDWWWEFSRYFSENPPEDIVEAYSSFLPNSKTNRRLVAGKLKRIERVEPFLSPLSISEIRDYYFNGMERLRDELARVMK
AKRSAKTIVFAVKMFGYAGRIAFSAFVPYPMAIEIPDDVRINAYTKRFTSEPPVSFWGRIAEETGIPPLHIDSILWPVLG
GKGEVLRRLKKHCGEKAERILELRDL
;
_entity_poly.pdbx_strand_id   A,B
#
loop_
_chem_comp.id
_chem_comp.type
_chem_comp.name
_chem_comp.formula
CL non-polymer 'CHLORIDE ION' 'Cl -1'
GOL non-polymer GLYCEROL 'C3 H8 O3'
#
# COMPACT_ATOMS: atom_id res chain seq x y z
N TYR A 14 -15.74 -41.44 -20.42
CA TYR A 14 -14.58 -40.80 -21.07
C TYR A 14 -13.34 -41.67 -20.96
N ARG A 15 -12.49 -41.61 -21.98
CA ARG A 15 -11.20 -42.28 -21.94
C ARG A 15 -10.28 -41.53 -20.99
N GLU A 16 -9.89 -42.17 -19.90
CA GLU A 16 -9.08 -41.54 -18.86
C GLU A 16 -7.91 -42.45 -18.51
N ASP A 17 -6.74 -41.86 -18.30
CA ASP A 17 -5.59 -42.57 -17.75
C ASP A 17 -5.68 -42.43 -16.24
N ASN A 18 -6.26 -43.45 -15.59
CA ASN A 18 -6.54 -43.36 -14.17
C ASN A 18 -5.26 -43.24 -13.35
N GLU A 19 -4.22 -44.00 -13.72
CA GLU A 19 -2.96 -43.93 -12.99
C GLU A 19 -2.38 -42.52 -13.02
N LYS A 20 -2.37 -41.89 -14.19
CA LYS A 20 -1.83 -40.54 -14.28
C LYS A 20 -2.68 -39.55 -13.50
N VAL A 21 -4.00 -39.71 -13.55
CA VAL A 21 -4.89 -38.84 -12.79
C VAL A 21 -4.65 -39.01 -11.29
N ASN A 22 -4.46 -40.26 -10.84
CA ASN A 22 -4.20 -40.50 -9.43
C ASN A 22 -2.91 -39.80 -8.98
N ARG A 23 -1.87 -39.86 -9.82
CA ARG A 23 -0.63 -39.15 -9.50
C ARG A 23 -0.83 -37.64 -9.50
N LEU A 24 -1.59 -37.12 -10.49
CA LEU A 24 -1.86 -35.69 -10.56
C LEU A 24 -2.53 -35.20 -9.28
N VAL A 25 -3.55 -35.92 -8.82
CA VAL A 25 -4.28 -35.54 -7.62
C VAL A 25 -3.36 -35.49 -6.41
N GLU A 26 -2.51 -36.52 -6.26
CA GLU A 26 -1.66 -36.56 -5.07
C GLU A 26 -0.61 -35.46 -5.11
N ILE A 27 -0.05 -35.17 -6.30
CA ILE A 27 0.93 -34.09 -6.39
C ILE A 27 0.29 -32.76 -6.05
N LEU A 28 -0.92 -32.50 -6.56
CA LEU A 28 -1.60 -31.26 -6.22
C LEU A 28 -1.93 -31.18 -4.73
N ARG A 29 -2.30 -32.32 -4.12
CA ARG A 29 -2.53 -32.32 -2.68
C ARG A 29 -1.27 -31.93 -1.92
N GLU A 30 -0.11 -32.42 -2.37
CA GLU A 30 1.14 -32.12 -1.67
C GLU A 30 1.50 -30.65 -1.81
N LEU A 31 1.28 -30.07 -2.99
CA LEU A 31 1.49 -28.64 -3.17
C LEU A 31 0.47 -27.83 -2.37
N GLY A 32 -0.82 -28.06 -2.61
CA GLY A 32 -1.87 -27.47 -1.81
C GLY A 32 -2.05 -25.99 -2.00
N LEU A 33 -2.97 -25.44 -1.21
CA LEU A 33 -3.21 -24.00 -1.21
C LEU A 33 -1.97 -23.21 -0.83
N ASP A 34 -1.12 -23.77 0.05
CA ASP A 34 0.11 -23.08 0.46
C ASP A 34 0.99 -22.78 -0.75
N CYS A 35 1.16 -23.76 -1.63
CA CYS A 35 1.96 -23.54 -2.84
C CYS A 35 1.27 -22.59 -3.80
N ALA A 36 -0.05 -22.76 -4.02
CA ALA A 36 -0.76 -21.84 -4.90
C ALA A 36 -0.61 -20.41 -4.41
N ARG A 37 -0.75 -20.19 -3.11
CA ARG A 37 -0.61 -18.85 -2.55
C ARG A 37 0.80 -18.30 -2.77
N THR A 38 1.82 -19.15 -2.58
CA THR A 38 3.20 -18.69 -2.76
C THR A 38 3.45 -18.31 -4.22
N ILE A 39 2.92 -19.10 -5.14
CA ILE A 39 3.05 -18.77 -6.56
C ILE A 39 2.37 -17.43 -6.86
N GLU A 40 1.16 -17.22 -6.32
CA GLU A 40 0.41 -16.00 -6.61
C GLU A 40 1.12 -14.77 -6.08
N GLU A 41 1.74 -14.88 -4.91
CA GLU A 41 2.27 -13.71 -4.22
C GLU A 41 3.74 -13.46 -4.45
N LYS A 42 4.53 -14.51 -4.67
CA LYS A 42 5.98 -14.37 -4.81
C LYS A 42 6.49 -14.65 -6.22
N VAL A 43 5.85 -15.54 -6.96
CA VAL A 43 6.28 -15.87 -8.31
C VAL A 43 5.61 -14.96 -9.35
N ASP A 44 4.34 -14.64 -9.16
CA ASP A 44 3.60 -13.75 -10.04
C ASP A 44 3.93 -12.31 -9.65
N LEU A 45 4.68 -11.60 -10.51
CA LEU A 45 5.08 -10.23 -10.19
C LEU A 45 3.89 -9.27 -10.17
N GLN A 46 2.74 -9.67 -10.70
CA GLN A 46 1.55 -8.83 -10.64
C GLN A 46 1.14 -8.54 -9.19
N PHE A 47 1.37 -9.49 -8.28
CA PHE A 47 0.95 -9.28 -6.89
C PHE A 47 1.72 -8.11 -6.27
N ASP A 48 3.05 -8.08 -6.45
CA ASP A 48 3.83 -6.99 -5.88
C ASP A 48 3.48 -5.66 -6.54
N ALA A 49 3.10 -5.67 -7.83
CA ALA A 49 2.62 -4.44 -8.44
C ALA A 49 1.39 -3.91 -7.72
N LEU A 50 0.49 -4.81 -7.31
CA LEU A 50 -0.69 -4.38 -6.56
C LEU A 50 -0.30 -3.86 -5.19
N ARG A 51 0.65 -4.51 -4.52
CA ARG A 51 1.07 -4.02 -3.21
C ARG A 51 1.58 -2.59 -3.30
N ASN A 52 2.37 -2.31 -4.34
CA ASN A 52 2.92 -0.97 -4.53
C ASN A 52 1.81 0.05 -4.71
N LEU A 53 0.82 -0.26 -5.56
CA LEU A 53 -0.26 0.70 -5.78
C LEU A 53 -1.08 0.91 -4.51
N ARG A 54 -1.39 -0.18 -3.79
CA ARG A 54 -2.20 -0.04 -2.59
C ARG A 54 -1.52 0.85 -1.57
N GLU A 55 -0.20 0.68 -1.40
CA GLU A 55 0.54 1.51 -0.45
C GLU A 55 0.57 2.97 -0.88
N ASN A 56 0.66 3.21 -2.18
CA ASN A 56 0.83 4.58 -2.66
C ASN A 56 -0.50 5.35 -2.70
N LEU A 57 -1.63 4.67 -2.86
CA LEU A 57 -2.90 5.37 -2.94
C LEU A 57 -3.48 5.66 -1.57
N LYS A 58 -3.31 4.74 -0.61
CA LYS A 58 -3.89 4.88 0.73
C LYS A 58 -5.40 5.13 0.68
N ASP A 59 -6.06 4.45 -0.24
CA ASP A 59 -7.52 4.54 -0.41
C ASP A 59 -7.94 3.18 -0.96
N ASP A 60 -8.32 2.28 -0.05
CA ASP A 60 -8.54 0.90 -0.46
C ASP A 60 -9.76 0.76 -1.36
N GLU A 61 -10.77 1.59 -1.17
CA GLU A 61 -11.91 1.59 -2.10
CA GLU A 61 -11.91 1.60 -2.09
C GLU A 61 -11.44 1.91 -3.51
N LEU A 62 -10.65 2.98 -3.67
CA LEU A 62 -10.15 3.35 -4.98
C LEU A 62 -9.24 2.27 -5.55
N PHE A 63 -8.33 1.75 -4.72
CA PHE A 63 -7.40 0.72 -5.15
C PHE A 63 -8.14 -0.50 -5.70
N ILE A 64 -9.10 -1.02 -4.94
CA ILE A 64 -9.78 -2.24 -5.36
C ILE A 64 -10.60 -2.01 -6.61
N LYS A 65 -11.25 -0.85 -6.69
CA LYS A 65 -12.04 -0.56 -7.89
C LYS A 65 -11.15 -0.41 -9.11
N LEU A 66 -9.97 0.20 -8.93
CA LEU A 66 -9.03 0.32 -10.04
C LEU A 66 -8.55 -1.03 -10.50
N VAL A 67 -8.31 -1.96 -9.57
CA VAL A 67 -7.87 -3.30 -9.95
C VAL A 67 -8.95 -4.00 -10.79
N ILE A 68 -10.21 -3.91 -10.37
CA ILE A 68 -11.31 -4.54 -11.13
C ILE A 68 -11.40 -3.93 -12.53
N ALA A 69 -11.45 -2.60 -12.61
CA ALA A 69 -11.53 -1.95 -13.92
C ALA A 69 -10.33 -2.31 -14.78
N ASN A 70 -9.14 -2.32 -14.18
CA ASN A 70 -7.95 -2.64 -14.95
C ASN A 70 -8.00 -4.07 -15.48
N ALA A 71 -8.47 -5.01 -14.66
CA ALA A 71 -8.55 -6.38 -15.11
C ALA A 71 -9.53 -6.50 -16.28
N LEU A 72 -10.61 -5.72 -16.25
CA LEU A 72 -11.63 -5.81 -17.30
C LEU A 72 -11.12 -5.31 -18.65
N VAL A 73 -10.01 -4.57 -18.69
CA VAL A 73 -9.39 -4.15 -19.94
C VAL A 73 -8.08 -4.88 -20.19
N SER A 74 -7.81 -5.93 -19.43
CA SER A 74 -6.56 -6.69 -19.54
C SER A 74 -6.72 -7.85 -20.52
N TYR A 75 -6.94 -7.50 -21.78
CA TYR A 75 -7.03 -8.49 -22.84
C TYR A 75 -6.36 -7.90 -24.07
N GLN A 76 -5.81 -8.77 -24.91
CA GLN A 76 -5.06 -8.38 -26.12
C GLN A 76 -4.07 -7.26 -25.80
N LEU A 77 -3.21 -7.54 -24.83
CA LEU A 77 -2.23 -6.58 -24.37
C LEU A 77 -1.16 -6.36 -25.44
N SER A 78 -0.49 -5.21 -25.33
CA SER A 78 0.68 -4.94 -26.17
C SER A 78 1.98 -5.14 -25.38
N GLY A 79 1.98 -6.10 -24.47
CA GLY A 79 3.15 -6.43 -23.68
C GLY A 79 2.80 -7.59 -22.76
N LYS A 80 3.78 -8.00 -21.98
CA LYS A 80 3.57 -9.09 -21.02
C LYS A 80 2.68 -8.65 -19.86
N GLY A 81 1.88 -9.59 -19.36
CA GLY A 81 1.01 -9.29 -18.23
C GLY A 81 1.74 -8.68 -17.04
N GLU A 82 2.89 -9.23 -16.67
CA GLU A 82 3.61 -8.69 -15.53
C GLU A 82 4.07 -7.25 -15.80
N ASP A 83 4.49 -6.96 -17.03
CA ASP A 83 4.90 -5.59 -17.38
C ASP A 83 3.70 -4.65 -17.36
N TRP A 84 2.55 -5.11 -17.84
CA TRP A 84 1.34 -4.29 -17.85
C TRP A 84 0.89 -3.93 -16.43
N TRP A 85 0.84 -4.91 -15.53
CA TRP A 85 0.38 -4.57 -14.19
C TRP A 85 1.36 -3.64 -13.47
N TRP A 86 2.65 -3.77 -13.76
CA TRP A 86 3.61 -2.82 -13.20
C TRP A 86 3.47 -1.44 -13.83
N GLU A 87 3.19 -1.38 -15.13
CA GLU A 87 2.97 -0.07 -15.74
C GLU A 87 1.73 0.61 -15.15
N PHE A 88 0.66 -0.15 -14.96
CA PHE A 88 -0.54 0.33 -14.28
C PHE A 88 -0.21 0.82 -12.88
N SER A 89 0.55 0.03 -12.12
CA SER A 89 0.87 0.38 -10.74
C SER A 89 1.69 1.66 -10.67
N ARG A 90 2.72 1.77 -11.50
CA ARG A 90 3.55 2.97 -11.49
C ARG A 90 2.80 4.17 -12.01
N TYR A 91 1.95 3.98 -13.03
CA TYR A 91 1.26 5.11 -13.63
C TYR A 91 0.27 5.74 -12.65
N PHE A 92 -0.56 4.92 -12.01
CA PHE A 92 -1.55 5.46 -11.08
C PHE A 92 -0.94 5.84 -9.74
N SER A 93 0.26 5.33 -9.40
CA SER A 93 0.97 5.86 -8.24
C SER A 93 1.46 7.28 -8.51
N GLU A 94 1.92 7.54 -9.73
CA GLU A 94 2.42 8.86 -10.09
C GLU A 94 1.31 9.82 -10.50
N ASN A 95 0.22 9.30 -11.08
CA ASN A 95 -0.90 10.09 -11.58
C ASN A 95 -2.18 9.53 -10.99
N PRO A 96 -2.40 9.72 -9.69
CA PRO A 96 -3.56 9.10 -9.06
C PRO A 96 -4.85 9.67 -9.62
N PRO A 97 -5.83 8.83 -9.89
CA PRO A 97 -7.02 9.29 -10.62
C PRO A 97 -8.19 9.65 -9.73
N GLU A 98 -9.12 10.39 -10.32
CA GLU A 98 -10.44 10.61 -9.75
C GLU A 98 -11.51 10.15 -10.72
N ASP A 99 -11.67 10.80 -11.86
CA ASP A 99 -12.56 10.33 -12.93
C ASP A 99 -11.88 9.16 -13.63
N ILE A 100 -12.40 7.94 -13.43
CA ILE A 100 -11.71 6.74 -13.93
C ILE A 100 -11.76 6.66 -15.46
N VAL A 101 -12.90 7.00 -16.07
CA VAL A 101 -12.97 6.99 -17.53
C VAL A 101 -11.97 7.98 -18.12
N GLU A 102 -11.92 9.20 -17.57
CA GLU A 102 -10.99 10.19 -18.07
C GLU A 102 -9.55 9.71 -17.89
N ALA A 103 -9.24 9.10 -16.74
CA ALA A 103 -7.88 8.65 -16.48
C ALA A 103 -7.46 7.59 -17.49
N TYR A 104 -8.32 6.60 -17.75
CA TYR A 104 -7.98 5.57 -18.72
C TYR A 104 -7.92 6.11 -20.14
N SER A 105 -8.71 7.14 -20.45
CA SER A 105 -8.69 7.72 -21.79
C SER A 105 -7.32 8.30 -22.12
N SER A 106 -6.60 8.78 -21.11
CA SER A 106 -5.23 9.25 -21.31
CA SER A 106 -5.22 9.25 -21.33
C SER A 106 -4.21 8.12 -21.17
N PHE A 107 -4.41 7.25 -20.18
CA PHE A 107 -3.45 6.20 -19.86
C PHE A 107 -3.28 5.21 -21.02
N LEU A 108 -4.38 4.60 -21.48
CA LEU A 108 -4.24 3.50 -22.43
C LEU A 108 -3.52 3.87 -23.72
N PRO A 109 -3.94 4.90 -24.47
CA PRO A 109 -3.24 5.18 -25.73
C PRO A 109 -1.80 5.59 -25.56
N ASN A 110 -1.43 6.09 -24.39
CA ASN A 110 -0.06 6.49 -24.13
C ASN A 110 0.76 5.42 -23.44
N SER A 111 0.15 4.30 -23.06
CA SER A 111 0.88 3.24 -22.40
C SER A 111 1.75 2.49 -23.40
N LYS A 112 2.73 1.75 -22.87
CA LYS A 112 3.48 0.84 -23.72
C LYS A 112 2.74 -0.48 -23.87
N THR A 113 2.20 -1.01 -22.77
CA THR A 113 1.78 -2.40 -22.71
C THR A 113 0.27 -2.63 -22.89
N ASN A 114 -0.54 -1.59 -23.05
CA ASN A 114 -1.96 -1.82 -23.33
C ASN A 114 -2.53 -0.73 -24.24
N ARG A 115 -1.93 -0.58 -25.44
CA ARG A 115 -2.37 0.48 -26.34
CA ARG A 115 -2.24 0.44 -26.42
C ARG A 115 -3.20 -0.03 -27.51
N ARG A 116 -3.59 -1.30 -27.51
CA ARG A 116 -4.36 -1.93 -28.57
C ARG A 116 -5.84 -1.98 -28.18
N LEU A 117 -6.73 -1.77 -29.15
CA LEU A 117 -8.19 -1.92 -28.92
C LEU A 117 -8.71 -0.95 -27.85
N VAL A 118 -8.19 0.28 -27.86
CA VAL A 118 -8.50 1.24 -26.81
C VAL A 118 -9.99 1.60 -26.80
N ALA A 119 -10.59 1.77 -27.99
CA ALA A 119 -11.99 2.19 -28.06
C ALA A 119 -12.88 1.22 -27.29
N GLY A 120 -12.75 -0.09 -27.54
CA GLY A 120 -13.58 -1.04 -26.83
C GLY A 120 -13.25 -1.09 -25.35
N LYS A 121 -11.99 -0.91 -24.99
CA LYS A 121 -11.63 -0.93 -23.58
C LYS A 121 -12.24 0.25 -22.83
N LEU A 122 -12.23 1.44 -23.43
CA LEU A 122 -12.84 2.59 -22.77
C LEU A 122 -14.34 2.40 -22.63
N LYS A 123 -14.99 1.79 -23.61
CA LYS A 123 -16.41 1.50 -23.47
C LYS A 123 -16.67 0.54 -22.30
N ARG A 124 -15.77 -0.40 -22.08
CA ARG A 124 -15.94 -1.32 -20.95
C ARG A 124 -15.77 -0.60 -19.62
N ILE A 125 -14.80 0.31 -19.52
CA ILE A 125 -14.66 1.10 -18.30
CA ILE A 125 -14.65 1.11 -18.30
C ILE A 125 -15.91 1.95 -18.06
N GLU A 126 -16.40 2.59 -19.12
CA GLU A 126 -17.64 3.36 -19.00
C GLU A 126 -18.80 2.49 -18.54
N ARG A 127 -18.84 1.23 -18.97
CA ARG A 127 -19.94 0.34 -18.58
C ARG A 127 -19.83 -0.08 -17.12
N VAL A 128 -18.62 -0.34 -16.63
CA VAL A 128 -18.47 -0.87 -15.29
C VAL A 128 -18.53 0.22 -14.21
N GLU A 129 -18.15 1.46 -14.56
CA GLU A 129 -18.03 2.48 -13.52
C GLU A 129 -19.31 2.77 -12.75
N PRO A 130 -20.50 2.80 -13.36
CA PRO A 130 -21.71 3.02 -12.55
C PRO A 130 -21.97 1.94 -11.53
N PHE A 131 -21.43 0.74 -11.73
CA PHE A 131 -21.53 -0.32 -10.74
C PHE A 131 -20.46 -0.17 -9.65
N LEU A 132 -19.21 0.08 -10.05
CA LEU A 132 -18.13 0.14 -9.07
C LEU A 132 -18.18 1.40 -8.23
N SER A 133 -18.43 2.55 -8.84
CA SER A 133 -18.31 3.82 -8.13
CA SER A 133 -18.31 3.82 -8.13
C SER A 133 -19.10 3.89 -6.83
N PRO A 134 -20.37 3.44 -6.75
CA PRO A 134 -21.10 3.56 -5.49
C PRO A 134 -20.65 2.60 -4.40
N LEU A 135 -19.90 1.54 -4.69
CA LEU A 135 -19.63 0.52 -3.68
C LEU A 135 -18.84 1.09 -2.50
N SER A 136 -19.28 0.75 -1.29
CA SER A 136 -18.55 1.15 -0.09
C SER A 136 -17.52 0.08 0.25
N ILE A 137 -16.60 0.45 1.14
CA ILE A 137 -15.59 -0.54 1.55
C ILE A 137 -16.26 -1.70 2.27
N SER A 138 -17.35 -1.43 3.00
CA SER A 138 -18.11 -2.49 3.66
C SER A 138 -18.65 -3.49 2.64
N GLU A 139 -19.22 -3.00 1.54
CA GLU A 139 -19.74 -3.89 0.51
C GLU A 139 -18.62 -4.66 -0.19
N ILE A 140 -17.48 -3.99 -0.40
CA ILE A 140 -16.34 -4.65 -1.02
C ILE A 140 -15.80 -5.75 -0.11
N ARG A 141 -15.71 -5.48 1.20
CA ARG A 141 -15.31 -6.49 2.15
C ARG A 141 -16.24 -7.71 2.08
N ASP A 142 -17.55 -7.46 1.99
CA ASP A 142 -18.52 -8.55 1.86
C ASP A 142 -18.25 -9.40 0.62
N TYR A 143 -18.00 -8.74 -0.52
CA TYR A 143 -17.69 -9.51 -1.73
C TYR A 143 -16.44 -10.34 -1.53
N TYR A 144 -15.42 -9.79 -0.88
CA TYR A 144 -14.16 -10.51 -0.74
C TYR A 144 -14.29 -11.69 0.21
N PHE A 145 -14.83 -11.46 1.40
CA PHE A 145 -14.84 -12.50 2.42
C PHE A 145 -15.94 -13.52 2.19
N ASN A 146 -17.03 -13.13 1.54
CA ASN A 146 -18.19 -14.01 1.46
C ASN A 146 -18.99 -13.80 0.18
N GLY A 147 -18.34 -13.47 -0.92
CA GLY A 147 -19.12 -13.17 -2.10
C GLY A 147 -18.39 -13.12 -3.43
N MET A 148 -17.25 -13.81 -3.57
CA MET A 148 -16.55 -13.72 -4.86
C MET A 148 -17.35 -14.34 -6.00
N GLU A 149 -18.13 -15.40 -5.76
CA GLU A 149 -19.00 -15.91 -6.80
C GLU A 149 -20.07 -14.90 -7.15
N ARG A 150 -20.65 -14.25 -6.14
CA ARG A 150 -21.64 -13.21 -6.40
C ARG A 150 -21.04 -12.07 -7.20
N LEU A 151 -19.80 -11.67 -6.89
CA LEU A 151 -19.16 -10.61 -7.65
C LEU A 151 -18.98 -11.01 -9.12
N ARG A 152 -18.52 -12.24 -9.35
CA ARG A 152 -18.40 -12.74 -10.72
C ARG A 152 -19.74 -12.63 -11.46
N ASP A 153 -20.81 -13.12 -10.84
CA ASP A 153 -22.12 -13.08 -11.49
C ASP A 153 -22.58 -11.65 -11.75
N GLU A 154 -22.37 -10.76 -10.79
CA GLU A 154 -22.82 -9.37 -10.96
C GLU A 154 -21.98 -8.64 -12.01
N LEU A 155 -20.66 -8.86 -12.02
CA LEU A 155 -19.83 -8.27 -13.07
C LEU A 155 -20.29 -8.73 -14.46
N ALA A 156 -20.57 -10.04 -14.61
CA ALA A 156 -21.05 -10.53 -15.90
C ALA A 156 -22.34 -9.84 -16.31
N ARG A 157 -23.27 -9.66 -15.37
CA ARG A 157 -24.52 -8.97 -15.67
C ARG A 157 -24.26 -7.51 -16.08
N VAL A 158 -23.40 -6.81 -15.34
CA VAL A 158 -23.12 -5.41 -15.64
C VAL A 158 -22.50 -5.28 -17.01
N MET A 159 -21.57 -6.16 -17.35
CA MET A 159 -20.83 -6.08 -18.60
C MET A 159 -21.57 -6.72 -19.76
N LYS A 160 -22.73 -7.33 -19.52
CA LYS A 160 -23.47 -8.03 -20.55
C LYS A 160 -22.60 -9.12 -21.18
N ALA A 161 -21.96 -9.89 -20.31
CA ALA A 161 -21.03 -10.95 -20.71
C ALA A 161 -21.48 -12.28 -20.12
N LYS A 162 -21.01 -13.37 -20.73
CA LYS A 162 -21.22 -14.69 -20.16
C LYS A 162 -20.61 -14.76 -18.76
N ARG A 163 -21.28 -15.54 -17.91
CA ARG A 163 -20.80 -15.75 -16.56
C ARG A 163 -19.39 -16.36 -16.55
N SER A 164 -19.08 -17.18 -17.54
CA SER A 164 -17.76 -17.79 -17.63
C SER A 164 -16.78 -16.99 -18.48
N ALA A 165 -17.12 -15.76 -18.85
CA ALA A 165 -16.26 -15.00 -19.74
C ALA A 165 -14.87 -14.84 -19.15
N LYS A 166 -13.86 -15.03 -20.01
CA LYS A 166 -12.46 -15.09 -19.54
C LYS A 166 -12.05 -13.86 -18.75
N THR A 167 -12.41 -12.67 -19.23
CA THR A 167 -11.96 -11.46 -18.55
C THR A 167 -12.79 -11.15 -17.30
N ILE A 168 -14.05 -11.59 -17.26
CA ILE A 168 -14.83 -11.47 -16.03
C ILE A 168 -14.16 -12.29 -14.93
N VAL A 169 -13.79 -13.53 -15.24
CA VAL A 169 -13.15 -14.40 -14.26
C VAL A 169 -11.80 -13.84 -13.85
N PHE A 170 -11.03 -13.29 -14.81
CA PHE A 170 -9.75 -12.67 -14.46
C PHE A 170 -9.95 -11.51 -13.50
N ALA A 171 -11.01 -10.73 -13.70
CA ALA A 171 -11.29 -9.62 -12.79
C ALA A 171 -11.51 -10.12 -11.37
N VAL A 172 -12.21 -11.25 -11.22
CA VAL A 172 -12.39 -11.80 -9.87
C VAL A 172 -11.07 -12.32 -9.31
N LYS A 173 -10.24 -12.94 -10.14
CA LYS A 173 -8.93 -13.39 -9.68
C LYS A 173 -8.12 -12.21 -9.14
N MET A 174 -8.06 -11.12 -9.90
CA MET A 174 -7.28 -9.96 -9.45
C MET A 174 -7.93 -9.28 -8.25
N PHE A 175 -9.26 -9.27 -8.19
CA PHE A 175 -9.95 -8.78 -7.01
C PHE A 175 -9.52 -9.56 -5.78
N GLY A 176 -9.35 -10.88 -5.91
CA GLY A 176 -8.87 -11.67 -4.79
C GLY A 176 -7.50 -11.23 -4.32
N TYR A 177 -6.59 -10.94 -5.26
CA TYR A 177 -5.29 -10.39 -4.86
C TYR A 177 -5.48 -9.07 -4.12
N ALA A 178 -6.29 -8.17 -4.69
CA ALA A 178 -6.45 -6.84 -4.11
C ALA A 178 -7.03 -6.91 -2.70
N GLY A 179 -7.99 -7.82 -2.49
CA GLY A 179 -8.57 -7.95 -1.16
C GLY A 179 -7.59 -8.54 -0.15
N ARG A 180 -6.77 -9.50 -0.58
CA ARG A 180 -5.76 -10.08 0.29
C ARG A 180 -4.83 -9.00 0.81
N ILE A 181 -4.50 -8.04 -0.06
CA ILE A 181 -3.60 -6.96 0.31
C ILE A 181 -4.30 -5.93 1.19
N ALA A 182 -5.48 -5.47 0.76
CA ALA A 182 -6.19 -4.40 1.46
C ALA A 182 -6.70 -4.84 2.82
N PHE A 183 -7.10 -6.10 2.95
CA PHE A 183 -7.74 -6.58 4.16
C PHE A 183 -6.85 -7.48 4.99
N SER A 184 -5.62 -7.74 4.53
CA SER A 184 -4.63 -8.51 5.30
C SER A 184 -5.22 -9.84 5.79
N ALA A 185 -5.81 -10.58 4.86
CA ALA A 185 -6.40 -11.87 5.17
C ALA A 185 -6.53 -12.65 3.88
N PHE A 186 -6.26 -13.95 3.95
CA PHE A 186 -6.36 -14.83 2.79
C PHE A 186 -7.73 -15.48 2.79
N VAL A 187 -8.46 -15.31 1.69
CA VAL A 187 -9.73 -15.98 1.46
C VAL A 187 -9.59 -16.77 0.17
N PRO A 188 -9.74 -18.09 0.20
CA PRO A 188 -9.58 -18.89 -1.02
C PRO A 188 -10.66 -18.53 -2.04
N TYR A 189 -10.30 -18.61 -3.32
CA TYR A 189 -11.29 -18.44 -4.37
C TYR A 189 -12.42 -19.47 -4.21
N PRO A 190 -13.63 -19.12 -4.65
CA PRO A 190 -14.75 -20.06 -4.52
C PRO A 190 -14.54 -21.32 -5.33
N MET A 191 -14.97 -22.45 -4.79
CA MET A 191 -14.98 -23.69 -5.56
C MET A 191 -15.84 -23.53 -6.80
N ALA A 192 -16.85 -22.66 -6.75
CA ALA A 192 -17.83 -22.56 -7.81
C ALA A 192 -17.31 -21.86 -9.06
N ILE A 193 -16.19 -21.15 -8.98
CA ILE A 193 -15.63 -20.50 -10.16
C ILE A 193 -14.74 -21.51 -10.87
N GLU A 194 -15.18 -21.94 -12.04
CA GLU A 194 -14.54 -23.08 -12.65
C GLU A 194 -13.21 -22.69 -13.29
N ILE A 195 -12.45 -23.72 -13.66
CA ILE A 195 -11.13 -23.57 -14.26
C ILE A 195 -11.22 -22.62 -15.44
N PRO A 196 -10.29 -21.69 -15.57
CA PRO A 196 -10.36 -20.76 -16.71
C PRO A 196 -10.16 -21.49 -18.03
N ASP A 197 -10.74 -20.91 -19.08
CA ASP A 197 -10.62 -21.45 -20.43
C ASP A 197 -9.29 -21.02 -21.00
N ASP A 198 -8.41 -21.99 -21.25
CA ASP A 198 -7.00 -21.70 -21.50
C ASP A 198 -6.45 -22.73 -22.47
N VAL A 199 -5.78 -22.27 -23.52
CA VAL A 199 -5.27 -23.17 -24.54
C VAL A 199 -4.23 -24.13 -23.96
N ARG A 200 -3.37 -23.64 -23.07
CA ARG A 200 -2.34 -24.49 -22.48
C ARG A 200 -2.96 -25.51 -21.53
N ILE A 201 -3.95 -25.10 -20.74
CA ILE A 201 -4.65 -26.04 -19.85
C ILE A 201 -5.37 -27.10 -20.66
N ASN A 202 -6.01 -26.70 -21.76
CA ASN A 202 -6.76 -27.66 -22.56
C ASN A 202 -5.86 -28.75 -23.12
N ALA A 203 -4.67 -28.38 -23.60
CA ALA A 203 -3.74 -29.38 -24.11
C ALA A 203 -3.22 -30.26 -22.99
N TYR A 204 -2.98 -29.69 -21.80
CA TYR A 204 -2.53 -30.47 -20.66
C TYR A 204 -3.60 -31.48 -20.23
N THR A 205 -4.87 -31.05 -20.22
CA THR A 205 -5.96 -31.93 -19.81
C THR A 205 -5.99 -33.19 -20.65
N LYS A 206 -5.71 -33.08 -21.95
CA LYS A 206 -5.77 -34.24 -22.84
C LYS A 206 -4.74 -35.30 -22.50
N ARG A 207 -3.71 -34.96 -21.71
CA ARG A 207 -2.80 -36.00 -21.22
C ARG A 207 -3.50 -36.98 -20.30
N PHE A 208 -4.62 -36.56 -19.70
CA PHE A 208 -5.30 -37.34 -18.67
C PHE A 208 -6.63 -37.90 -19.11
N THR A 209 -7.37 -37.17 -19.95
CA THR A 209 -8.76 -37.54 -20.20
C THR A 209 -9.24 -36.83 -21.46
N SER A 210 -10.26 -37.43 -22.08
CA SER A 210 -11.02 -36.75 -23.12
C SER A 210 -12.16 -35.92 -22.55
N GLU A 211 -12.38 -35.99 -21.24
CA GLU A 211 -13.46 -35.25 -20.60
C GLU A 211 -13.20 -33.75 -20.73
N PRO A 212 -14.25 -32.94 -20.91
CA PRO A 212 -14.08 -31.49 -20.96
C PRO A 212 -13.40 -30.98 -19.70
N PRO A 213 -12.42 -30.07 -19.87
CA PRO A 213 -11.65 -29.59 -18.70
C PRO A 213 -12.47 -29.03 -17.55
N VAL A 214 -13.54 -28.27 -17.83
CA VAL A 214 -14.31 -27.67 -16.74
C VAL A 214 -14.86 -28.74 -15.81
N SER A 215 -15.35 -29.84 -16.39
CA SER A 215 -15.83 -30.94 -15.57
C SER A 215 -14.66 -31.67 -14.89
N PHE A 216 -13.57 -31.88 -15.62
CA PHE A 216 -12.42 -32.62 -15.08
C PHE A 216 -11.79 -31.88 -13.92
N TRP A 217 -11.44 -30.61 -14.12
CA TRP A 217 -10.78 -29.84 -13.06
C TRP A 217 -11.71 -29.54 -11.89
N GLY A 218 -13.03 -29.53 -12.11
CA GLY A 218 -13.94 -29.42 -10.99
C GLY A 218 -13.81 -30.59 -10.03
N ARG A 219 -13.74 -31.81 -10.58
CA ARG A 219 -13.54 -32.97 -9.72
C ARG A 219 -12.17 -32.94 -9.06
N ILE A 220 -11.13 -32.58 -9.82
CA ILE A 220 -9.79 -32.46 -9.25
C ILE A 220 -9.80 -31.46 -8.11
N ALA A 221 -10.49 -30.33 -8.29
CA ALA A 221 -10.60 -29.35 -7.21
C ALA A 221 -11.27 -29.95 -5.98
N GLU A 222 -12.37 -30.69 -6.18
CA GLU A 222 -13.04 -31.32 -5.06
C GLU A 222 -12.17 -32.38 -4.40
N GLU A 223 -11.45 -33.17 -5.20
CA GLU A 223 -10.63 -34.24 -4.65
C GLU A 223 -9.41 -33.70 -3.90
N THR A 224 -8.88 -32.57 -4.32
CA THR A 224 -7.71 -31.98 -3.68
C THR A 224 -8.04 -30.90 -2.66
N GLY A 225 -9.26 -30.36 -2.68
CA GLY A 225 -9.56 -29.21 -1.85
C GLY A 225 -8.90 -27.92 -2.31
N ILE A 226 -8.48 -27.85 -3.56
CA ILE A 226 -7.88 -26.65 -4.13
C ILE A 226 -8.86 -26.08 -5.14
N PRO A 227 -9.43 -24.90 -4.89
CA PRO A 227 -10.37 -24.33 -5.85
C PRO A 227 -9.73 -24.17 -7.21
N PRO A 228 -10.53 -24.24 -8.29
CA PRO A 228 -9.95 -24.21 -9.64
C PRO A 228 -9.06 -23.01 -9.94
N LEU A 229 -9.42 -21.81 -9.46
CA LEU A 229 -8.57 -20.66 -9.75
C LEU A 229 -7.19 -20.80 -9.12
N HIS A 230 -7.10 -21.49 -7.98
CA HIS A 230 -5.81 -21.75 -7.37
C HIS A 230 -5.07 -22.88 -8.08
N ILE A 231 -5.79 -23.88 -8.58
CA ILE A 231 -5.15 -24.86 -9.48
C ILE A 231 -4.54 -24.14 -10.68
N ASP A 232 -5.28 -23.20 -11.26
CA ASP A 232 -4.75 -22.41 -12.38
C ASP A 232 -3.44 -21.73 -12.02
N SER A 233 -3.34 -21.21 -10.79
CA SER A 233 -2.07 -20.61 -10.35
C SER A 233 -0.94 -21.62 -10.38
N ILE A 234 -1.18 -22.84 -9.88
CA ILE A 234 -0.15 -23.87 -9.85
C ILE A 234 0.25 -24.27 -11.27
N LEU A 235 -0.72 -24.36 -12.17
CA LEU A 235 -0.43 -24.82 -13.53
C LEU A 235 0.32 -23.79 -14.34
N TRP A 236 0.33 -22.52 -13.91
CA TRP A 236 1.07 -21.48 -14.63
C TRP A 236 2.55 -21.82 -14.79
N PRO A 237 3.31 -22.08 -13.73
CA PRO A 237 4.70 -22.51 -13.93
C PRO A 237 4.83 -23.88 -14.54
N VAL A 238 3.87 -24.78 -14.29
CA VAL A 238 3.90 -26.09 -14.93
C VAL A 238 3.83 -25.94 -16.44
N LEU A 239 2.96 -25.05 -16.93
CA LEU A 239 2.71 -24.92 -18.35
C LEU A 239 3.26 -23.60 -18.89
N VAL A 245 10.79 -17.39 -14.44
CA VAL A 245 9.64 -17.84 -13.66
C VAL A 245 9.97 -19.11 -12.88
N LEU A 246 10.48 -20.11 -13.59
CA LEU A 246 10.87 -21.36 -12.93
C LEU A 246 11.92 -21.10 -11.85
N ARG A 247 12.85 -20.18 -12.11
CA ARG A 247 13.83 -19.82 -11.11
C ARG A 247 13.17 -19.21 -9.88
N ARG A 248 12.18 -18.33 -10.09
CA ARG A 248 11.48 -17.72 -8.97
C ARG A 248 10.72 -18.76 -8.15
N LEU A 249 10.18 -19.78 -8.82
CA LEU A 249 9.46 -20.83 -8.11
C LEU A 249 10.41 -21.64 -7.23
N LYS A 250 11.56 -22.04 -7.78
CA LYS A 250 12.51 -22.84 -7.02
C LYS A 250 13.02 -22.11 -5.79
N LYS A 251 13.02 -20.77 -5.81
CA LYS A 251 13.53 -19.97 -4.72
C LYS A 251 12.50 -19.67 -3.64
N HIS A 252 11.21 -19.95 -3.89
CA HIS A 252 10.17 -19.60 -2.94
C HIS A 252 9.37 -20.77 -2.41
N CYS A 253 9.13 -21.81 -3.21
CA CYS A 253 8.39 -22.98 -2.75
C CYS A 253 9.28 -24.02 -2.07
N GLY A 254 10.59 -23.81 -2.05
CA GLY A 254 11.46 -24.75 -1.36
C GLY A 254 11.52 -26.09 -2.06
N GLU A 255 11.54 -27.16 -1.26
CA GLU A 255 11.59 -28.51 -1.82
C GLU A 255 10.34 -28.87 -2.62
N LYS A 256 9.24 -28.15 -2.42
CA LYS A 256 8.03 -28.40 -3.20
C LYS A 256 8.14 -27.94 -4.65
N ALA A 257 9.26 -27.33 -5.03
CA ALA A 257 9.44 -26.90 -6.42
C ALA A 257 9.63 -28.09 -7.36
N GLU A 258 10.30 -29.14 -6.88
CA GLU A 258 10.47 -30.34 -7.69
C GLU A 258 9.13 -30.94 -8.09
N ARG A 259 8.14 -30.83 -7.20
CA ARG A 259 6.81 -31.35 -7.51
C ARG A 259 6.17 -30.62 -8.68
N ILE A 260 6.54 -29.34 -8.88
CA ILE A 260 6.08 -28.64 -10.07
C ILE A 260 6.66 -29.26 -11.33
N LEU A 261 7.96 -29.58 -11.30
CA LEU A 261 8.58 -30.26 -12.43
C LEU A 261 7.96 -31.63 -12.68
N GLU A 262 7.50 -32.31 -11.61
CA GLU A 262 6.81 -33.57 -11.79
C GLU A 262 5.51 -33.40 -12.55
N LEU A 263 4.83 -32.27 -12.38
CA LEU A 263 3.57 -32.05 -13.09
C LEU A 263 3.79 -31.87 -14.59
N ARG A 264 4.87 -31.19 -14.97
CA ARG A 264 5.11 -30.96 -16.39
C ARG A 264 5.42 -32.27 -17.12
N ASP A 265 6.08 -33.20 -16.46
CA ASP A 265 6.53 -34.44 -17.10
C ASP A 265 5.50 -35.56 -17.01
N LEU A 266 4.35 -35.33 -16.40
CA LEU A 266 3.31 -36.35 -16.30
C LEU A 266 2.87 -36.84 -17.68
N ASP B 17 28.34 -5.63 7.45
CA ASP B 17 29.57 -4.85 7.45
C ASP B 17 29.81 -4.21 8.81
N ASN B 18 30.57 -4.91 9.66
CA ASN B 18 30.80 -4.44 11.02
C ASN B 18 31.56 -3.13 11.06
N GLU B 19 32.52 -2.94 10.13
CA GLU B 19 33.31 -1.72 10.12
C GLU B 19 32.44 -0.50 9.80
N LYS B 20 31.59 -0.62 8.78
CA LYS B 20 30.74 0.51 8.40
C LYS B 20 29.70 0.80 9.48
N VAL B 21 29.12 -0.24 10.08
CA VAL B 21 28.14 -0.05 11.15
C VAL B 21 28.80 0.61 12.35
N ASN B 22 30.05 0.24 12.65
CA ASN B 22 30.76 0.84 13.78
C ASN B 22 30.91 2.36 13.58
N ARG B 23 31.26 2.79 12.37
CA ARG B 23 31.42 4.22 12.12
C ARG B 23 30.06 4.92 12.17
N LEU B 24 29.01 4.27 11.67
CA LEU B 24 27.66 4.82 11.77
C LEU B 24 27.27 5.08 13.23
N VAL B 25 27.52 4.10 14.10
CA VAL B 25 27.16 4.25 15.51
C VAL B 25 27.99 5.35 16.15
N GLU B 26 29.28 5.41 15.83
CA GLU B 26 30.14 6.44 16.42
C GLU B 26 29.69 7.84 16.02
N ILE B 27 29.37 8.05 14.73
CA ILE B 27 28.91 9.36 14.29
C ILE B 27 27.61 9.73 14.97
N LEU B 28 26.67 8.78 15.07
CA LEU B 28 25.40 9.08 15.72
C LEU B 28 25.58 9.43 17.19
N ARG B 29 26.49 8.72 17.87
CA ARG B 29 26.78 9.04 19.27
C ARG B 29 27.40 10.42 19.40
N GLU B 30 28.19 10.84 18.41
CA GLU B 30 28.77 12.18 18.44
C GLU B 30 27.70 13.25 18.25
N LEU B 31 26.76 13.01 17.33
CA LEU B 31 25.69 13.98 17.11
C LEU B 31 24.74 14.04 18.30
N GLY B 32 24.19 12.89 18.68
CA GLY B 32 23.37 12.78 19.87
C GLY B 32 21.95 13.28 19.67
N LEU B 33 21.14 13.01 20.69
CA LEU B 33 19.76 13.51 20.71
C LEU B 33 19.72 15.04 20.60
N ASP B 34 20.71 15.73 21.17
CA ASP B 34 20.70 17.19 21.10
C ASP B 34 20.79 17.68 19.66
N CYS B 35 21.54 16.97 18.80
CA CYS B 35 21.61 17.38 17.40
C CYS B 35 20.30 17.07 16.67
N ALA B 36 19.70 15.91 16.94
CA ALA B 36 18.42 15.62 16.32
C ALA B 36 17.40 16.70 16.66
N ARG B 37 17.38 17.13 17.91
CA ARG B 37 16.42 18.14 18.35
C ARG B 37 16.66 19.47 17.65
N THR B 38 17.93 19.84 17.46
CA THR B 38 18.25 21.08 16.77
C THR B 38 17.84 21.01 15.30
N ILE B 39 18.07 19.87 14.66
CA ILE B 39 17.65 19.69 13.27
C ILE B 39 16.12 19.84 13.17
N GLU B 40 15.39 19.22 14.10
CA GLU B 40 13.93 19.29 14.06
C GLU B 40 13.43 20.72 14.20
N GLU B 41 14.05 21.51 15.06
CA GLU B 41 13.52 22.83 15.39
C GLU B 41 14.07 23.94 14.50
N LYS B 42 15.31 23.84 14.06
CA LYS B 42 15.95 24.91 13.33
C LYS B 42 16.15 24.62 11.84
N VAL B 43 16.32 23.36 11.47
CA VAL B 43 16.59 22.99 10.08
C VAL B 43 15.31 22.59 9.36
N ASP B 44 14.43 21.85 10.03
CA ASP B 44 13.15 21.46 9.44
C ASP B 44 12.18 22.63 9.52
N LEU B 45 11.90 23.26 8.37
CA LEU B 45 11.02 24.42 8.38
C LEU B 45 9.57 24.08 8.69
N GLN B 46 9.20 22.79 8.70
CA GLN B 46 7.88 22.43 9.18
C GLN B 46 7.67 22.83 10.64
N PHE B 47 8.74 22.83 11.45
CA PHE B 47 8.57 23.19 12.85
C PHE B 47 8.12 24.64 12.98
N ASP B 48 8.77 25.56 12.26
CA ASP B 48 8.37 26.96 12.35
C ASP B 48 6.97 27.18 11.76
N ALA B 49 6.57 26.38 10.78
CA ALA B 49 5.20 26.48 10.30
C ALA B 49 4.22 26.18 11.43
N LEU B 50 4.52 25.19 12.27
CA LEU B 50 3.65 24.89 13.40
C LEU B 50 3.67 26.02 14.42
N ARG B 51 4.85 26.56 14.73
CA ARG B 51 4.93 27.66 15.69
CA ARG B 51 4.93 27.66 15.69
C ARG B 51 4.10 28.85 15.21
N ASN B 52 4.20 29.18 13.91
CA ASN B 52 3.43 30.27 13.35
C ASN B 52 1.93 30.03 13.53
N LEU B 53 1.45 28.82 13.23
CA LEU B 53 0.03 28.54 13.39
C LEU B 53 -0.40 28.60 14.85
N ARG B 54 0.41 28.02 15.74
CA ARG B 54 0.05 28.00 17.15
C ARG B 54 -0.13 29.42 17.68
N GLU B 55 0.78 30.32 17.31
CA GLU B 55 0.71 31.68 17.84
C GLU B 55 -0.48 32.46 17.28
N ASN B 56 -0.91 32.14 16.06
CA ASN B 56 -2.07 32.82 15.48
C ASN B 56 -3.40 32.26 15.97
N LEU B 57 -3.47 30.95 16.24
CA LEU B 57 -4.75 30.36 16.65
C LEU B 57 -5.11 30.73 18.08
N LYS B 58 -4.11 30.81 18.97
CA LYS B 58 -4.36 31.05 20.39
C LYS B 58 -5.42 30.08 20.91
N ASP B 59 -5.27 28.82 20.55
CA ASP B 59 -6.23 27.76 20.92
C ASP B 59 -5.43 26.45 20.73
N ASP B 60 -4.72 26.06 21.79
CA ASP B 60 -3.78 24.95 21.63
C ASP B 60 -4.47 23.62 21.37
N GLU B 61 -5.68 23.44 21.91
CA GLU B 61 -6.44 22.23 21.63
C GLU B 61 -6.74 22.12 20.13
N LEU B 62 -7.23 23.21 19.53
CA LEU B 62 -7.48 23.21 18.09
C LEU B 62 -6.18 23.06 17.30
N PHE B 63 -5.13 23.77 17.71
CA PHE B 63 -3.83 23.66 17.04
C PHE B 63 -3.38 22.21 16.97
N ILE B 64 -3.38 21.51 18.10
CA ILE B 64 -2.84 20.15 18.10
C ILE B 64 -3.74 19.21 17.28
N LYS B 65 -5.05 19.37 17.35
CA LYS B 65 -5.94 18.55 16.54
C LYS B 65 -5.70 18.77 15.05
N LEU B 66 -5.51 20.04 14.65
CA LEU B 66 -5.22 20.32 13.25
C LEU B 66 -3.92 19.69 12.80
N VAL B 67 -2.90 19.71 13.66
CA VAL B 67 -1.63 19.10 13.28
C VAL B 67 -1.79 17.60 13.04
N ILE B 68 -2.49 16.90 13.95
CA ILE B 68 -2.70 15.46 13.77
C ILE B 68 -3.45 15.20 12.47
N ALA B 69 -4.56 15.90 12.26
CA ALA B 69 -5.33 15.72 11.03
C ALA B 69 -4.48 15.99 9.80
N ASN B 70 -3.71 17.07 9.84
CA ASN B 70 -2.90 17.45 8.69
C ASN B 70 -1.82 16.40 8.39
N ALA B 71 -1.19 15.87 9.44
CA ALA B 71 -0.17 14.85 9.23
C ALA B 71 -0.76 13.60 8.58
N LEU B 72 -2.01 13.25 8.96
CA LEU B 72 -2.63 12.03 8.44
C LEU B 72 -2.95 12.14 6.95
N VAL B 73 -2.96 13.34 6.39
CA VAL B 73 -3.16 13.53 4.95
C VAL B 73 -1.88 13.99 4.26
N SER B 74 -0.73 13.89 4.93
CA SER B 74 0.55 14.32 4.38
C SER B 74 1.23 13.19 3.62
N TYR B 75 0.67 12.87 2.46
CA TYR B 75 1.24 11.90 1.56
C TYR B 75 0.78 12.29 0.15
N GLN B 76 1.51 11.81 -0.86
CA GLN B 76 1.14 12.09 -2.24
C GLN B 76 0.90 13.57 -2.46
N LEU B 77 1.86 14.38 -2.00
CA LEU B 77 1.74 15.83 -2.08
C LEU B 77 2.02 16.31 -3.51
N SER B 78 1.52 17.51 -3.80
CA SER B 78 1.78 18.21 -5.06
C SER B 78 2.91 19.20 -4.94
N GLY B 79 3.65 19.18 -3.85
CA GLY B 79 4.76 20.07 -3.61
C GLY B 79 5.64 19.51 -2.51
N LYS B 80 6.62 20.30 -2.09
CA LYS B 80 7.52 19.88 -1.02
C LYS B 80 6.80 19.90 0.32
N GLY B 81 7.21 19.00 1.22
CA GLY B 81 6.60 18.96 2.54
C GLY B 81 6.63 20.29 3.27
N GLU B 82 7.76 20.99 3.22
CA GLU B 82 7.83 22.27 3.92
CA GLU B 82 7.83 22.27 3.92
C GLU B 82 6.86 23.29 3.33
N ASP B 83 6.69 23.28 2.01
CA ASP B 83 5.73 24.20 1.39
C ASP B 83 4.31 23.86 1.81
N TRP B 84 4.01 22.56 1.91
CA TRP B 84 2.68 22.11 2.30
C TRP B 84 2.35 22.51 3.73
N TRP B 85 3.29 22.29 4.66
CA TRP B 85 3.02 22.68 6.04
C TRP B 85 2.87 24.20 6.18
N TRP B 86 3.59 24.96 5.35
CA TRP B 86 3.42 26.40 5.38
C TRP B 86 2.12 26.86 4.73
N GLU B 87 1.64 26.16 3.70
CA GLU B 87 0.33 26.48 3.15
C GLU B 87 -0.75 26.23 4.19
N PHE B 88 -0.67 25.08 4.88
CA PHE B 88 -1.55 24.77 6.00
C PHE B 88 -1.47 25.84 7.07
N SER B 89 -0.26 26.28 7.41
CA SER B 89 -0.10 27.26 8.48
C SER B 89 -0.76 28.59 8.12
N ARG B 90 -0.53 29.07 6.89
CA ARG B 90 -1.13 30.33 6.48
C ARG B 90 -2.64 30.22 6.37
N TYR B 91 -3.13 29.13 5.80
CA TYR B 91 -4.57 29.00 5.55
C TYR B 91 -5.35 29.05 6.85
N PHE B 92 -4.92 28.29 7.86
CA PHE B 92 -5.66 28.27 9.11
C PHE B 92 -5.32 29.44 10.02
N SER B 93 -4.17 30.11 9.82
CA SER B 93 -3.92 31.35 10.53
C SER B 93 -4.86 32.45 10.04
N GLU B 94 -5.12 32.48 8.73
CA GLU B 94 -6.02 33.50 8.19
C GLU B 94 -7.47 33.17 8.51
N ASN B 95 -7.82 31.88 8.48
CA ASN B 95 -9.21 31.45 8.62
C ASN B 95 -9.28 30.28 9.59
N PRO B 96 -9.21 30.54 10.89
CA PRO B 96 -9.32 29.45 11.87
C PRO B 96 -10.63 28.71 11.68
N PRO B 97 -10.59 27.39 11.67
CA PRO B 97 -11.80 26.61 11.38
C PRO B 97 -12.64 26.40 12.62
N GLU B 98 -13.95 26.27 12.39
CA GLU B 98 -14.87 25.83 13.44
C GLU B 98 -15.02 24.32 13.47
N ASP B 99 -14.78 23.65 12.35
CA ASP B 99 -14.96 22.21 12.26
C ASP B 99 -13.93 21.66 11.29
N ILE B 100 -13.16 20.68 11.74
CA ILE B 100 -12.02 20.19 10.97
C ILE B 100 -12.49 19.48 9.69
N VAL B 101 -13.54 18.66 9.77
CA VAL B 101 -14.01 17.98 8.56
C VAL B 101 -14.48 18.99 7.54
N GLU B 102 -15.31 19.94 7.95
CA GLU B 102 -15.80 20.95 7.05
C GLU B 102 -14.64 21.73 6.43
N ALA B 103 -13.67 22.12 7.26
CA ALA B 103 -12.58 22.95 6.75
C ALA B 103 -11.77 22.22 5.70
N TYR B 104 -11.41 20.96 5.95
CA TYR B 104 -10.57 20.23 4.99
C TYR B 104 -11.29 20.00 3.68
N SER B 105 -12.62 19.92 3.72
CA SER B 105 -13.39 19.66 2.51
CA SER B 105 -13.39 19.67 2.51
C SER B 105 -13.22 20.79 1.49
N SER B 106 -12.93 22.01 1.94
CA SER B 106 -12.62 23.09 1.00
C SER B 106 -11.11 23.30 0.85
N PHE B 107 -10.36 23.13 1.94
CA PHE B 107 -8.93 23.40 1.92
C PHE B 107 -8.18 22.50 0.94
N LEU B 108 -8.35 21.17 1.05
CA LEU B 108 -7.53 20.27 0.23
C LEU B 108 -7.73 20.42 -1.26
N PRO B 109 -8.96 20.35 -1.80
CA PRO B 109 -9.09 20.39 -3.26
C PRO B 109 -8.66 21.70 -3.87
N ASN B 110 -8.57 22.77 -3.10
CA ASN B 110 -8.16 24.06 -3.62
C ASN B 110 -6.73 24.42 -3.24
N SER B 111 -6.04 23.54 -2.54
CA SER B 111 -4.67 23.85 -2.14
C SER B 111 -3.75 23.73 -3.35
N LYS B 112 -2.60 24.41 -3.26
CA LYS B 112 -1.60 24.24 -4.30
C LYS B 112 -0.77 22.98 -4.07
N THR B 113 -0.47 22.66 -2.82
CA THR B 113 0.52 21.65 -2.51
C THR B 113 -0.07 20.29 -2.14
N ASN B 114 -1.40 20.16 -2.04
CA ASN B 114 -1.95 18.87 -1.61
C ASN B 114 -3.34 18.64 -2.21
N ARG B 115 -3.42 18.65 -3.54
CA ARG B 115 -4.71 18.52 -4.21
C ARG B 115 -4.89 17.17 -4.91
N ARG B 116 -3.97 16.22 -4.74
CA ARG B 116 -4.10 14.87 -5.28
C ARG B 116 -4.77 13.96 -4.26
N LEU B 117 -5.51 12.96 -4.76
CA LEU B 117 -6.14 11.97 -3.88
C LEU B 117 -7.04 12.61 -2.83
N VAL B 118 -7.81 13.63 -3.24
CA VAL B 118 -8.66 14.37 -2.32
C VAL B 118 -9.65 13.44 -1.61
N ALA B 119 -10.31 12.55 -2.37
CA ALA B 119 -11.32 11.69 -1.77
C ALA B 119 -10.74 10.85 -0.63
N GLY B 120 -9.60 10.19 -0.88
CA GLY B 120 -9.04 9.32 0.15
C GLY B 120 -8.57 10.11 1.35
N LYS B 121 -8.07 11.33 1.13
CA LYS B 121 -7.62 12.16 2.23
C LYS B 121 -8.80 12.67 3.05
N LEU B 122 -9.88 13.09 2.38
CA LEU B 122 -11.06 13.52 3.13
C LEU B 122 -11.69 12.36 3.89
N LYS B 123 -11.63 11.14 3.34
CA LYS B 123 -12.11 9.99 4.09
C LYS B 123 -11.30 9.77 5.36
N ARG B 124 -9.99 10.03 5.29
CA ARG B 124 -9.18 9.87 6.48
C ARG B 124 -9.49 10.94 7.52
N ILE B 125 -9.74 12.19 7.07
CA ILE B 125 -10.14 13.24 8.00
C ILE B 125 -11.45 12.88 8.68
N GLU B 126 -12.42 12.37 7.90
CA GLU B 126 -13.69 11.97 8.51
C GLU B 126 -13.51 10.81 9.49
N ARG B 127 -12.55 9.91 9.22
CA ARG B 127 -12.34 8.76 10.09
C ARG B 127 -11.71 9.16 11.41
N VAL B 128 -10.81 10.16 11.40
CA VAL B 128 -10.12 10.55 12.62
C VAL B 128 -10.95 11.52 13.46
N GLU B 129 -11.92 12.19 12.85
CA GLU B 129 -12.74 13.17 13.58
C GLU B 129 -13.37 12.64 14.85
N PRO B 130 -13.97 11.44 14.91
CA PRO B 130 -14.58 10.99 16.16
C PRO B 130 -13.57 10.83 17.28
N PHE B 131 -12.30 10.62 16.94
CA PHE B 131 -11.25 10.54 17.95
C PHE B 131 -10.78 11.93 18.36
N LEU B 132 -10.60 12.84 17.40
CA LEU B 132 -10.08 14.15 17.72
C LEU B 132 -11.11 15.01 18.44
N SER B 133 -12.37 14.95 18.00
CA SER B 133 -13.39 15.87 18.51
C SER B 133 -13.47 15.91 20.03
N PRO B 134 -13.63 14.79 20.75
CA PRO B 134 -13.79 14.88 22.21
C PRO B 134 -12.51 15.16 22.98
N LEU B 135 -11.35 15.21 22.34
CA LEU B 135 -10.08 15.34 23.08
C LEU B 135 -9.99 16.69 23.78
N SER B 136 -9.69 16.66 25.08
CA SER B 136 -9.43 17.89 25.82
C SER B 136 -7.93 18.16 25.84
N ILE B 137 -7.57 19.39 26.22
CA ILE B 137 -6.15 19.74 26.31
C ILE B 137 -5.47 18.88 27.37
N SER B 138 -6.18 18.53 28.45
CA SER B 138 -5.61 17.65 29.46
C SER B 138 -5.29 16.27 28.89
N GLU B 139 -6.21 15.70 28.11
CA GLU B 139 -5.94 14.41 27.48
CA GLU B 139 -5.93 14.42 27.49
C GLU B 139 -4.77 14.52 26.51
N ILE B 140 -4.71 15.63 25.76
CA ILE B 140 -3.60 15.83 24.84
C ILE B 140 -2.28 15.90 25.60
N ARG B 141 -2.26 16.66 26.70
CA ARG B 141 -1.07 16.75 27.52
C ARG B 141 -0.62 15.38 28.00
N ASP B 142 -1.58 14.53 28.41
CA ASP B 142 -1.26 13.17 28.86
C ASP B 142 -0.62 12.36 27.72
N TYR B 143 -1.13 12.51 26.49
CA TYR B 143 -0.53 11.79 25.38
C TYR B 143 0.88 12.29 25.11
N TYR B 144 1.15 13.57 25.34
CA TYR B 144 2.47 14.11 25.04
C TYR B 144 3.49 13.75 26.11
N PHE B 145 3.20 14.05 27.38
CA PHE B 145 4.16 13.77 28.44
C PHE B 145 4.12 12.33 28.90
N ASN B 146 2.99 11.65 28.80
CA ASN B 146 2.80 10.38 29.48
C ASN B 146 2.38 9.28 28.51
N GLY B 147 3.09 9.18 27.39
CA GLY B 147 2.97 8.02 26.51
C GLY B 147 2.52 8.30 25.08
N MET B 148 3.41 8.87 24.26
CA MET B 148 3.10 9.09 22.86
C MET B 148 2.82 7.79 22.12
N GLU B 149 3.32 6.66 22.62
CA GLU B 149 2.97 5.39 21.98
C GLU B 149 1.49 5.06 22.17
N ARG B 150 0.86 5.53 23.25
CA ARG B 150 -0.58 5.33 23.40
C ARG B 150 -1.33 6.07 22.31
N LEU B 151 -0.88 7.28 21.98
CA LEU B 151 -1.49 8.01 20.87
C LEU B 151 -1.26 7.27 19.57
N ARG B 152 -0.05 6.77 19.35
CA ARG B 152 0.25 6.02 18.13
C ARG B 152 -0.71 4.85 17.98
N ASP B 153 -0.87 4.07 19.05
CA ASP B 153 -1.70 2.87 18.99
C ASP B 153 -3.15 3.24 18.74
N GLU B 154 -3.64 4.33 19.36
CA GLU B 154 -5.01 4.77 19.15
C GLU B 154 -5.23 5.24 17.72
N LEU B 155 -4.30 6.04 17.19
CA LEU B 155 -4.44 6.48 15.81
C LEU B 155 -4.45 5.30 14.85
N ALA B 156 -3.58 4.32 15.08
CA ALA B 156 -3.56 3.15 14.20
C ALA B 156 -4.89 2.41 14.26
N ARG B 157 -5.47 2.28 15.46
CA ARG B 157 -6.76 1.61 15.60
C ARG B 157 -7.85 2.36 14.86
N VAL B 158 -7.94 3.68 15.09
CA VAL B 158 -8.99 4.49 14.46
C VAL B 158 -8.84 4.48 12.96
N MET B 159 -7.60 4.58 12.47
CA MET B 159 -7.35 4.67 11.03
C MET B 159 -7.32 3.32 10.32
N LYS B 160 -7.49 2.23 11.05
CA LYS B 160 -7.44 0.88 10.48
C LYS B 160 -6.11 0.63 9.77
N ALA B 161 -5.02 1.06 10.42
CA ALA B 161 -3.68 1.01 9.87
C ALA B 161 -2.78 0.18 10.79
N LYS B 162 -1.69 -0.31 10.22
CA LYS B 162 -0.64 -0.93 11.03
C LYS B 162 0.00 0.12 11.92
N ARG B 163 0.48 -0.31 13.08
CA ARG B 163 1.16 0.63 13.97
C ARG B 163 2.44 1.19 13.36
N SER B 164 3.03 0.49 12.40
CA SER B 164 4.24 0.93 11.73
C SER B 164 3.96 1.72 10.46
N ALA B 165 2.70 2.03 10.17
CA ALA B 165 2.37 2.74 8.95
C ALA B 165 3.04 4.11 8.92
N LYS B 166 3.52 4.48 7.73
CA LYS B 166 4.28 5.72 7.55
C LYS B 166 3.55 6.94 8.08
N THR B 167 2.28 7.08 7.72
CA THR B 167 1.54 8.29 8.05
CA THR B 167 1.57 8.30 8.06
C THR B 167 1.13 8.32 9.52
N ILE B 168 0.93 7.14 10.13
CA ILE B 168 0.63 7.10 11.56
C ILE B 168 1.83 7.57 12.35
N VAL B 169 3.00 7.06 12.00
CA VAL B 169 4.22 7.43 12.70
C VAL B 169 4.56 8.89 12.44
N PHE B 170 4.29 9.37 11.22
CA PHE B 170 4.50 10.80 10.94
C PHE B 170 3.57 11.67 11.77
N ALA B 171 2.33 11.22 11.99
CA ALA B 171 1.43 11.99 12.83
C ALA B 171 1.95 12.10 14.24
N VAL B 172 2.53 11.01 14.77
CA VAL B 172 3.15 11.10 16.10
C VAL B 172 4.33 12.05 16.09
N LYS B 173 5.16 11.99 15.03
CA LYS B 173 6.28 12.92 14.94
C LYS B 173 5.80 14.37 14.99
N MET B 174 4.80 14.71 14.16
CA MET B 174 4.33 16.09 14.15
C MET B 174 3.60 16.46 15.43
N PHE B 175 2.92 15.48 16.05
CA PHE B 175 2.33 15.72 17.37
C PHE B 175 3.40 16.11 18.38
N GLY B 176 4.56 15.46 18.31
CA GLY B 176 5.65 15.82 19.21
C GLY B 176 6.14 17.24 18.99
N TYR B 177 6.22 17.67 17.73
CA TYR B 177 6.55 19.08 17.47
C TYR B 177 5.50 19.98 18.09
N ALA B 178 4.21 19.66 17.88
CA ALA B 178 3.14 20.52 18.36
C ALA B 178 3.13 20.59 19.88
N GLY B 179 3.40 19.47 20.56
CA GLY B 179 3.44 19.51 22.02
C GLY B 179 4.61 20.29 22.56
N ARG B 180 5.78 20.16 21.92
CA ARG B 180 6.95 20.94 22.30
C ARG B 180 6.63 22.43 22.28
N ILE B 181 5.88 22.86 21.27
CA ILE B 181 5.48 24.26 21.16
C ILE B 181 4.42 24.61 22.18
N ALA B 182 3.32 23.84 22.23
CA ALA B 182 2.18 24.20 23.06
C ALA B 182 2.49 24.12 24.55
N PHE B 183 3.34 23.18 24.96
CA PHE B 183 3.63 22.93 26.36
C PHE B 183 4.99 23.46 26.78
N SER B 184 5.78 24.02 25.85
CA SER B 184 7.06 24.66 26.17
C SER B 184 8.01 23.70 26.87
N ALA B 185 8.08 22.47 26.38
CA ALA B 185 8.86 21.43 27.03
C ALA B 185 9.18 20.34 26.01
N PHE B 186 10.44 19.92 25.97
CA PHE B 186 10.91 18.87 25.10
C PHE B 186 10.68 17.50 25.75
N VAL B 187 9.98 16.64 25.03
CA VAL B 187 9.78 15.25 25.41
C VAL B 187 10.28 14.38 24.28
N PRO B 188 11.29 13.53 24.50
CA PRO B 188 11.80 12.67 23.42
C PRO B 188 10.72 11.70 22.93
N TYR B 189 10.79 11.38 21.63
CA TYR B 189 9.94 10.35 21.08
C TYR B 189 10.22 9.01 21.77
N PRO B 190 9.23 8.13 21.82
CA PRO B 190 9.44 6.81 22.43
C PRO B 190 10.48 5.99 21.67
N MET B 191 11.31 5.27 22.44
CA MET B 191 12.26 4.32 21.84
C MET B 191 11.55 3.27 20.99
N ALA B 192 10.30 2.93 21.33
CA ALA B 192 9.64 1.78 20.73
C ALA B 192 9.00 2.08 19.38
N ILE B 193 8.89 3.35 18.98
CA ILE B 193 8.31 3.69 17.68
C ILE B 193 9.44 3.65 16.66
N GLU B 194 9.37 2.68 15.74
CA GLU B 194 10.45 2.45 14.80
C GLU B 194 10.33 3.40 13.61
N ILE B 195 11.41 3.48 12.83
CA ILE B 195 11.34 4.22 11.55
C ILE B 195 10.49 3.42 10.58
N PRO B 196 9.49 4.02 9.93
CA PRO B 196 8.73 3.29 8.91
C PRO B 196 9.59 3.06 7.67
N ASP B 197 9.20 2.05 6.90
CA ASP B 197 9.96 1.69 5.71
C ASP B 197 10.00 2.87 4.74
N ASP B 198 11.16 3.07 4.13
CA ASP B 198 11.35 4.15 3.17
C ASP B 198 12.42 3.72 2.19
N VAL B 199 12.13 3.87 0.89
CA VAL B 199 13.11 3.50 -0.13
C VAL B 199 14.42 4.24 0.09
N ARG B 200 14.34 5.52 0.45
CA ARG B 200 15.55 6.27 0.78
C ARG B 200 16.31 5.62 1.92
N ILE B 201 15.59 5.27 3.00
CA ILE B 201 16.24 4.64 4.14
C ILE B 201 16.62 3.20 3.83
N ASN B 202 15.76 2.48 3.10
CA ASN B 202 16.05 1.08 2.80
C ASN B 202 17.29 0.95 1.93
N ALA B 203 17.46 1.84 0.95
CA ALA B 203 18.66 1.81 0.13
C ALA B 203 19.89 2.18 0.94
N TYR B 204 19.75 3.17 1.83
CA TYR B 204 20.85 3.54 2.72
C TYR B 204 21.22 2.37 3.63
N THR B 205 20.22 1.64 4.13
CA THR B 205 20.49 0.49 4.98
C THR B 205 21.34 -0.55 4.26
N LYS B 206 21.14 -0.69 2.96
CA LYS B 206 21.87 -1.69 2.19
C LYS B 206 23.38 -1.47 2.22
N ARG B 207 23.83 -0.26 2.57
CA ARG B 207 25.26 -0.03 2.71
C ARG B 207 25.85 -0.78 3.90
N PHE B 208 25.02 -1.14 4.88
CA PHE B 208 25.49 -1.69 6.14
C PHE B 208 25.18 -3.18 6.29
N THR B 209 23.96 -3.60 5.97
CA THR B 209 23.53 -4.96 6.27
C THR B 209 22.41 -5.34 5.32
N SER B 210 22.02 -6.61 5.40
CA SER B 210 20.86 -7.12 4.68
C SER B 210 19.62 -7.23 5.56
N GLU B 211 19.70 -6.79 6.82
CA GLU B 211 18.54 -6.80 7.67
C GLU B 211 17.55 -5.71 7.24
N PRO B 212 16.26 -5.91 7.49
CA PRO B 212 15.28 -4.87 7.18
C PRO B 212 15.53 -3.63 8.00
N PRO B 213 15.05 -2.46 7.55
CA PRO B 213 15.31 -1.22 8.29
C PRO B 213 14.79 -1.24 9.72
N VAL B 214 13.60 -1.81 9.95
CA VAL B 214 13.05 -1.85 11.30
C VAL B 214 13.99 -2.59 12.24
N SER B 215 14.47 -3.76 11.81
CA SER B 215 15.39 -4.54 12.62
C SER B 215 16.69 -3.78 12.86
N PHE B 216 17.31 -3.28 11.79
CA PHE B 216 18.62 -2.66 11.89
C PHE B 216 18.57 -1.39 12.72
N TRP B 217 17.66 -0.48 12.38
CA TRP B 217 17.63 0.81 13.04
C TRP B 217 17.08 0.75 14.46
N GLY B 218 16.25 -0.25 14.77
CA GLY B 218 15.90 -0.49 16.16
C GLY B 218 17.13 -0.76 17.00
N ARG B 219 18.05 -1.59 16.48
CA ARG B 219 19.27 -1.89 17.21
C ARG B 219 20.18 -0.67 17.28
N ILE B 220 20.22 0.12 16.21
CA ILE B 220 21.04 1.33 16.22
C ILE B 220 20.52 2.32 17.26
N ALA B 221 19.20 2.45 17.38
CA ALA B 221 18.63 3.28 18.44
C ALA B 221 19.03 2.78 19.81
N GLU B 222 18.99 1.46 20.03
CA GLU B 222 19.42 0.92 21.31
C GLU B 222 20.89 1.23 21.57
N GLU B 223 21.74 1.09 20.55
CA GLU B 223 23.17 1.29 20.75
C GLU B 223 23.53 2.76 20.93
N THR B 224 22.74 3.68 20.41
CA THR B 224 23.06 5.11 20.51
C THR B 224 22.28 5.83 21.59
N GLY B 225 21.17 5.25 22.06
CA GLY B 225 20.29 5.97 22.94
C GLY B 225 19.44 7.03 22.28
N ILE B 226 19.37 7.04 20.96
CA ILE B 226 18.59 8.02 20.21
C ILE B 226 17.35 7.30 19.69
N PRO B 227 16.15 7.72 20.09
CA PRO B 227 14.94 7.05 19.59
C PRO B 227 14.89 7.09 18.07
N PRO B 228 14.29 6.07 17.45
CA PRO B 228 14.30 5.99 15.98
C PRO B 228 13.76 7.23 15.27
N LEU B 229 12.71 7.87 15.80
CA LEU B 229 12.17 9.04 15.10
C LEU B 229 13.13 10.21 15.15
N HIS B 230 13.99 10.27 16.18
CA HIS B 230 15.03 11.28 16.21
C HIS B 230 16.18 10.93 15.30
N ILE B 231 16.51 9.63 15.15
CA ILE B 231 17.46 9.24 14.12
C ILE B 231 16.95 9.66 12.75
N ASP B 232 15.65 9.47 12.51
CA ASP B 232 15.03 9.89 11.25
C ASP B 232 15.29 11.37 10.99
N SER B 233 15.26 12.20 12.03
CA SER B 233 15.55 13.62 11.85
C SER B 233 16.98 13.83 11.37
N ILE B 234 17.93 13.07 11.91
CA ILE B 234 19.33 13.19 11.48
C ILE B 234 19.50 12.68 10.06
N LEU B 235 18.83 11.58 9.71
CA LEU B 235 19.01 10.99 8.39
C LEU B 235 18.37 11.82 7.29
N TRP B 236 17.44 12.70 7.63
CA TRP B 236 16.80 13.54 6.61
C TRP B 236 17.78 14.43 5.86
N PRO B 237 18.68 15.18 6.52
CA PRO B 237 19.72 15.88 5.75
C PRO B 237 20.72 14.96 5.09
N VAL B 238 20.98 13.79 5.68
CA VAL B 238 21.94 12.85 5.09
C VAL B 238 21.40 12.29 3.78
N LEU B 239 20.12 11.95 3.75
CA LEU B 239 19.52 11.33 2.58
C LEU B 239 18.59 12.31 1.87
N GLY B 243 20.82 20.86 -0.21
CA GLY B 243 21.26 22.16 -0.72
C GLY B 243 21.31 23.20 0.38
N GLU B 244 20.28 24.05 0.43
CA GLU B 244 20.14 24.94 1.57
C GLU B 244 19.87 24.16 2.85
N VAL B 245 19.30 22.96 2.73
CA VAL B 245 19.07 22.12 3.90
C VAL B 245 20.41 21.80 4.58
N LEU B 246 21.40 21.36 3.80
CA LEU B 246 22.72 21.15 4.36
C LEU B 246 23.30 22.44 4.93
N ARG B 247 23.07 23.56 4.24
CA ARG B 247 23.58 24.85 4.70
C ARG B 247 22.88 25.35 5.95
N ARG B 248 21.65 24.91 6.21
CA ARG B 248 20.96 25.24 7.46
C ARG B 248 21.72 24.58 8.62
N GLU B 255 29.31 22.59 14.77
CA GLU B 255 30.57 22.12 14.23
C GLU B 255 30.43 20.72 13.63
N LYS B 256 29.61 19.89 14.29
CA LYS B 256 29.37 18.51 13.89
C LYS B 256 28.59 18.39 12.59
N ALA B 257 28.34 19.51 11.89
CA ALA B 257 27.65 19.46 10.61
C ALA B 257 28.45 18.68 9.57
N GLU B 258 29.78 18.66 9.71
CA GLU B 258 30.59 17.87 8.80
C GLU B 258 30.39 16.37 9.01
N ARG B 259 30.03 15.97 10.23
CA ARG B 259 29.73 14.56 10.47
C ARG B 259 28.46 14.12 9.75
N ILE B 260 27.55 15.06 9.46
CA ILE B 260 26.37 14.74 8.68
C ILE B 260 26.77 14.33 7.26
N LEU B 261 27.59 15.14 6.61
CA LEU B 261 28.06 14.80 5.27
C LEU B 261 28.87 13.51 5.25
N GLU B 262 29.47 13.15 6.38
CA GLU B 262 30.20 11.88 6.45
C GLU B 262 29.24 10.70 6.45
N LEU B 263 28.03 10.89 6.97
CA LEU B 263 27.03 9.82 6.93
C LEU B 263 26.60 9.52 5.51
N ARG B 264 26.50 10.54 4.66
CA ARG B 264 26.07 10.34 3.28
C ARG B 264 27.08 9.55 2.47
N ASP B 265 28.34 9.50 2.90
CA ASP B 265 29.40 8.85 2.14
C ASP B 265 29.85 7.54 2.75
N LEU B 266 29.25 7.11 3.86
CA LEU B 266 29.66 5.87 4.53
C LEU B 266 29.44 4.66 3.61
CL CL C . -15.79 -10.07 -20.87
C1 GOL D . 3.63 27.15 -0.70
O1 GOL D . 4.11 27.14 0.67
C2 GOL D . 2.07 27.32 -0.74
O2 GOL D . 1.59 28.34 0.08
C3 GOL D . 1.66 27.53 -2.24
O3 GOL D . 2.45 28.56 -2.77
C1 GOL E . -3.49 2.28 5.37
O1 GOL E . -2.29 2.55 6.11
C2 GOL E . -4.72 2.31 6.35
O2 GOL E . -4.93 3.57 6.93
C3 GOL E . -5.94 1.84 5.52
O3 GOL E . -6.03 2.68 4.39
CL CL F . 0.36 33.45 8.61
#